data_2ZET
#
_entry.id   2ZET
#
_cell.length_a   82.208
_cell.length_b   82.208
_cell.length_c   325.484
_cell.angle_alpha   90.00
_cell.angle_beta   90.00
_cell.angle_gamma   90.00
#
_symmetry.space_group_name_H-M   'P 41 21 2'
#
loop_
_entity.id
_entity.type
_entity.pdbx_description
1 polymer 'Ras-related protein Rab-27B'
2 polymer Melanophilin
3 non-polymer 'MAGNESIUM ION'
4 non-polymer "GUANOSINE-5'-TRIPHOSPHATE"
5 non-polymer 'ZINC ION'
6 non-polymer 'SULFATE ION'
7 water water
#
loop_
_entity_poly.entity_id
_entity_poly.type
_entity_poly.pdbx_seq_one_letter_code
_entity_poly.pdbx_strand_id
1 'polypeptide(L)'
;GS(MSE)TDGDYDYLIKLLALGDSGVGKTTFLYRYTDNKFNPKFITTVGIDFREKRVVYDTQGADGASGKAFKVHLQLWD
TAGLERFRSLTTAFFRDA(MSE)GFLL(MSE)FDLTSQQSFLNVRNW(MSE)SQLQANAYCENPDIVLIGNKADLPDQRE
VNERQARELAEKYGIPYFETSAATGQNVEKSVETLLDLI(MSE)KR(MSE)EKCVEKTQVPDTVNGG
;
A,B
2 'polypeptide(L)'
;GSSGSSG(MSE)GKRLDLSTLTDEEAEHVWAVVQRDFDLRRREEERLQGLKGKIQKESSKRELLSDTAHLNETHCARCLQ
PYRLLLNSRRQCLECSLFVCKSCSHAHPEEQGWLCDPCHLARVVKIGSLEWYYQHVRARFKRFGSAKVIRSLCGRLQ
;
C,D
#
# COMPACT_ATOMS: atom_id res chain seq x y z
N ASP A 7 10.47 -11.75 -30.19
CA ASP A 7 11.62 -12.47 -29.59
C ASP A 7 12.34 -11.63 -28.54
N TYR A 8 12.11 -11.94 -27.27
CA TYR A 8 12.72 -11.21 -26.16
C TYR A 8 12.19 -11.73 -24.82
N ASP A 9 12.88 -11.40 -23.73
CA ASP A 9 12.47 -11.88 -22.42
C ASP A 9 11.48 -10.95 -21.72
N TYR A 10 11.70 -9.65 -21.85
CA TYR A 10 10.83 -8.68 -21.23
C TYR A 10 10.40 -7.54 -22.12
N LEU A 11 9.19 -7.05 -21.87
CA LEU A 11 8.63 -5.94 -22.60
C LEU A 11 8.52 -4.82 -21.58
N ILE A 12 9.32 -3.77 -21.72
CA ILE A 12 9.24 -2.67 -20.77
C ILE A 12 8.69 -1.46 -21.46
N LYS A 13 7.79 -0.77 -20.77
CA LYS A 13 7.16 0.40 -21.33
C LYS A 13 7.61 1.67 -20.60
N LEU A 14 8.08 2.64 -21.37
CA LEU A 14 8.55 3.91 -20.83
C LEU A 14 7.89 5.07 -21.56
N LEU A 15 7.85 6.21 -20.89
CA LEU A 15 7.24 7.39 -21.49
C LEU A 15 7.88 8.68 -21.04
N ALA A 16 8.07 9.57 -22.01
CA ALA A 16 8.68 10.87 -21.76
C ALA A 16 7.63 11.98 -21.84
N LEU A 17 7.61 12.83 -20.83
CA LEU A 17 6.66 13.93 -20.80
C LEU A 17 7.34 15.22 -20.34
N GLY A 18 6.83 16.34 -20.85
CA GLY A 18 7.37 17.64 -20.50
C GLY A 18 6.74 18.72 -21.36
N ASP A 19 7.30 19.92 -21.34
CA ASP A 19 6.77 21.02 -22.13
C ASP A 19 7.04 20.78 -23.60
N SER A 20 6.42 21.57 -24.46
CA SER A 20 6.63 21.42 -25.89
C SER A 20 8.00 22.00 -26.21
N GLY A 21 8.73 21.31 -27.08
CA GLY A 21 10.04 21.79 -27.45
C GLY A 21 11.18 21.52 -26.50
N VAL A 22 10.95 20.88 -25.36
CA VAL A 22 12.10 20.64 -24.48
C VAL A 22 12.99 19.55 -25.06
N GLY A 23 12.53 18.93 -26.15
CA GLY A 23 13.32 17.90 -26.83
C GLY A 23 13.10 16.45 -26.47
N LYS A 24 11.85 15.99 -26.48
CA LYS A 24 11.58 14.60 -26.13
C LYS A 24 11.71 13.68 -27.33
N THR A 25 11.14 14.07 -28.46
CA THR A 25 11.20 13.28 -29.69
C THR A 25 12.64 13.11 -30.15
N THR A 26 13.39 14.19 -30.00
CA THR A 26 14.80 14.26 -30.37
C THR A 26 15.63 13.42 -29.40
N PHE A 27 15.29 13.47 -28.11
CA PHE A 27 16.01 12.74 -27.10
C PHE A 27 15.86 11.25 -27.37
N LEU A 28 14.63 10.84 -27.66
CA LEU A 28 14.30 9.43 -27.93
C LEU A 28 14.94 8.88 -29.20
N TYR A 29 14.99 9.72 -30.24
CA TYR A 29 15.56 9.35 -31.53
C TYR A 29 17.06 9.13 -31.34
N ARG A 30 17.68 9.97 -30.51
CA ARG A 30 19.09 9.85 -30.22
C ARG A 30 19.36 8.56 -29.45
N TYR A 31 18.38 8.11 -28.67
CA TYR A 31 18.54 6.89 -27.89
C TYR A 31 18.40 5.62 -28.74
N THR A 32 17.50 5.65 -29.72
CA THR A 32 17.28 4.50 -30.55
C THR A 32 17.98 4.55 -31.90
N ASP A 33 18.59 5.69 -32.23
CA ASP A 33 19.29 5.82 -33.51
C ASP A 33 20.68 6.43 -33.37
N ASN A 34 21.05 6.78 -32.16
CA ASN A 34 22.34 7.40 -31.89
C ASN A 34 22.67 8.45 -32.93
N LYS A 35 21.64 9.11 -33.45
CA LYS A 35 21.80 10.17 -34.43
C LYS A 35 21.20 11.44 -33.83
N PHE A 36 21.06 12.49 -34.64
CA PHE A 36 20.52 13.74 -34.14
C PHE A 36 19.83 14.59 -35.21
N ASN A 37 18.49 14.58 -35.22
CA ASN A 37 17.74 15.37 -36.18
C ASN A 37 17.35 16.72 -35.57
N PRO A 38 17.79 17.83 -36.20
CA PRO A 38 17.51 19.21 -35.72
C PRO A 38 16.12 19.79 -35.98
N LYS A 39 15.31 19.14 -36.81
CA LYS A 39 13.97 19.66 -37.14
C LYS A 39 12.95 19.59 -36.00
N PHE A 40 12.23 20.70 -35.81
CA PHE A 40 11.20 20.76 -34.78
C PHE A 40 9.82 20.56 -35.44
N ILE A 41 9.23 19.40 -35.18
CA ILE A 41 7.91 19.10 -35.72
C ILE A 41 7.11 18.62 -34.51
N THR A 42 6.55 19.58 -33.79
CA THR A 42 5.76 19.32 -32.60
C THR A 42 4.96 18.02 -32.75
N THR A 43 5.14 17.11 -31.80
CA THR A 43 4.48 15.81 -31.81
C THR A 43 2.95 15.88 -31.67
N VAL A 44 2.25 15.31 -32.65
CA VAL A 44 0.79 15.30 -32.71
C VAL A 44 0.10 14.26 -31.81
N GLY A 45 -0.16 14.63 -30.56
CA GLY A 45 -0.82 13.72 -29.65
C GLY A 45 0.12 12.71 -29.01
N ILE A 46 0.40 11.63 -29.71
CA ILE A 46 1.32 10.62 -29.22
C ILE A 46 2.07 9.91 -30.33
N ASP A 47 3.07 9.17 -29.89
CA ASP A 47 3.87 8.39 -30.79
C ASP A 47 4.78 7.50 -29.97
N PHE A 48 5.34 6.47 -30.58
CA PHE A 48 6.24 5.62 -29.84
C PHE A 48 7.17 4.89 -30.77
N ARG A 49 8.38 4.68 -30.27
CA ARG A 49 9.44 3.98 -30.98
C ARG A 49 9.77 2.74 -30.15
N GLU A 50 10.28 1.72 -30.81
CA GLU A 50 10.63 0.48 -30.13
C GLU A 50 12.12 0.25 -30.27
N LYS A 51 12.70 -0.48 -29.33
CA LYS A 51 14.14 -0.80 -29.38
C LYS A 51 14.45 -1.99 -28.51
N ARG A 52 15.20 -2.94 -29.07
CA ARG A 52 15.59 -4.12 -28.32
C ARG A 52 16.91 -3.81 -27.66
N VAL A 53 17.02 -4.20 -26.40
CA VAL A 53 18.22 -3.95 -25.63
C VAL A 53 18.56 -5.13 -24.71
N VAL A 54 19.73 -5.07 -24.08
CA VAL A 54 20.15 -6.13 -23.18
C VAL A 54 20.33 -5.56 -21.79
N TYR A 55 19.86 -6.30 -20.79
CA TYR A 55 19.99 -5.88 -19.40
C TYR A 55 20.67 -7.01 -18.64
N ASP A 56 21.81 -6.71 -18.02
CA ASP A 56 22.56 -7.72 -17.28
C ASP A 56 22.33 -7.56 -15.78
N THR A 57 22.28 -8.67 -15.05
CA THR A 57 22.03 -8.61 -13.62
C THR A 57 23.28 -8.60 -12.74
N GLN A 58 23.10 -8.22 -11.48
CA GLN A 58 24.20 -8.16 -10.53
C GLN A 58 23.91 -9.09 -9.34
N GLY A 59 24.93 -9.83 -8.90
CA GLY A 59 24.75 -10.71 -7.74
C GLY A 59 26.11 -11.22 -7.26
N ALA A 60 26.25 -11.45 -5.95
CA ALA A 60 27.52 -11.98 -5.33
C ALA A 60 27.66 -11.55 -3.85
N SER A 64 28.22 -13.86 -10.65
CA SER A 64 27.92 -12.65 -11.39
C SER A 64 26.40 -12.41 -11.62
N GLY A 65 25.86 -13.02 -12.67
CA GLY A 65 24.45 -12.88 -12.99
C GLY A 65 24.16 -13.34 -14.41
N LYS A 66 23.14 -12.75 -15.05
CA LYS A 66 22.80 -13.14 -16.43
C LYS A 66 22.23 -12.04 -17.33
N ALA A 67 22.50 -12.18 -18.63
CA ALA A 67 22.00 -11.23 -19.64
C ALA A 67 20.53 -11.53 -19.96
N PHE A 68 19.80 -10.48 -20.36
CA PHE A 68 18.38 -10.58 -20.72
C PHE A 68 17.99 -9.65 -21.85
N LYS A 69 17.25 -10.17 -22.82
CA LYS A 69 16.79 -9.35 -23.94
C LYS A 69 15.53 -8.58 -23.53
N VAL A 70 15.57 -7.27 -23.68
CA VAL A 70 14.43 -6.45 -23.33
C VAL A 70 13.94 -5.69 -24.55
N HIS A 71 12.62 -5.62 -24.70
CA HIS A 71 12.04 -4.93 -25.83
C HIS A 71 11.37 -3.66 -25.36
N LEU A 72 12.03 -2.53 -25.54
CA LEU A 72 11.48 -1.26 -25.11
C LEU A 72 10.47 -0.62 -26.04
N GLN A 73 9.44 -0.04 -25.41
CA GLN A 73 8.37 0.68 -26.08
C GLN A 73 8.56 2.08 -25.52
N LEU A 74 9.08 2.99 -26.33
CA LEU A 74 9.31 4.35 -25.85
C LEU A 74 8.17 5.27 -26.24
N TRP A 75 7.37 5.64 -25.23
CA TRP A 75 6.23 6.52 -25.43
C TRP A 75 6.66 7.98 -25.43
N ASP A 76 6.25 8.70 -26.47
CA ASP A 76 6.57 10.11 -26.62
C ASP A 76 5.29 10.94 -26.66
N THR A 77 5.01 11.64 -25.58
CA THR A 77 3.80 12.45 -25.47
C THR A 77 3.96 13.84 -26.03
N ALA A 78 2.84 14.47 -26.37
CA ALA A 78 2.86 15.82 -26.91
C ALA A 78 3.02 16.80 -25.76
N GLY A 79 3.67 17.93 -26.03
CA GLY A 79 3.88 18.91 -25.00
C GLY A 79 2.76 19.92 -24.93
N LEU A 80 2.26 20.32 -26.10
CA LEU A 80 1.18 21.30 -26.19
C LEU A 80 -0.01 20.96 -25.30
N GLU A 81 -0.82 21.98 -25.03
CA GLU A 81 -2.00 21.85 -24.18
C GLU A 81 -3.19 21.42 -25.02
N ARG A 82 -3.20 21.82 -26.28
CA ARG A 82 -4.25 21.46 -27.22
C ARG A 82 -4.49 19.95 -27.17
N PHE A 83 -3.48 19.23 -26.68
CA PHE A 83 -3.49 17.77 -26.59
C PHE A 83 -3.43 17.20 -25.16
N ARG A 84 -3.14 18.05 -24.18
CA ARG A 84 -3.03 17.61 -22.78
C ARG A 84 -3.99 16.46 -22.46
N SER A 85 -5.25 16.65 -22.83
CA SER A 85 -6.29 15.64 -22.61
C SER A 85 -5.87 14.27 -23.13
N LEU A 86 -5.67 14.18 -24.44
CA LEU A 86 -5.27 12.92 -25.04
C LEU A 86 -3.99 12.36 -24.43
N THR A 87 -2.91 13.13 -24.50
CA THR A 87 -1.63 12.66 -23.98
C THR A 87 -1.68 11.98 -22.61
N THR A 88 -2.33 12.61 -21.63
CA THR A 88 -2.41 12.04 -20.29
C THR A 88 -3.07 10.68 -20.21
N ALA A 89 -3.85 10.34 -21.23
CA ALA A 89 -4.52 9.06 -21.26
C ALA A 89 -3.51 7.91 -21.29
N PHE A 90 -2.39 8.12 -21.97
CA PHE A 90 -1.36 7.10 -22.11
C PHE A 90 -0.37 6.96 -20.97
N PHE A 91 -0.49 7.81 -19.96
CA PHE A 91 0.41 7.78 -18.80
C PHE A 91 0.31 6.50 -17.97
N ARG A 92 -0.82 5.83 -18.06
CA ARG A 92 -1.05 4.62 -17.30
C ARG A 92 -0.49 3.41 -18.04
N ASP A 93 -0.09 3.65 -19.28
CA ASP A 93 0.45 2.60 -20.13
C ASP A 93 1.96 2.39 -19.99
N ALA A 94 2.58 3.06 -19.02
CA ALA A 94 4.02 2.98 -18.82
C ALA A 94 4.50 2.60 -17.43
N GLY A 96 7.63 3.36 -16.34
CA GLY A 96 8.55 4.36 -15.85
C GLY A 96 8.49 5.59 -16.70
N PHE A 97 8.92 6.72 -16.13
CA PHE A 97 8.88 7.98 -16.84
C PHE A 97 10.18 8.79 -16.88
N LEU A 98 10.36 9.44 -18.04
CA LEU A 98 11.48 10.33 -18.26
C LEU A 98 10.80 11.69 -18.19
N LEU A 99 10.91 12.33 -17.03
CA LEU A 99 10.30 13.63 -16.79
C LEU A 99 11.33 14.68 -17.12
N PHE A 101 12.76 18.56 -18.67
CA PHE A 101 12.54 19.99 -18.83
C PHE A 101 13.75 20.47 -19.61
N ASP A 102 13.71 21.71 -20.09
CA ASP A 102 14.82 22.27 -20.87
C ASP A 102 15.77 23.07 -19.96
N LEU A 103 17.07 22.93 -20.18
CA LEU A 103 18.04 23.66 -19.36
C LEU A 103 18.11 25.12 -19.82
N THR A 104 17.58 25.37 -21.02
CA THR A 104 17.57 26.71 -21.57
C THR A 104 16.18 27.35 -21.50
N SER A 105 15.47 27.13 -20.39
CA SER A 105 14.13 27.71 -20.21
C SER A 105 13.59 27.49 -18.80
N GLN A 106 13.83 28.45 -17.92
CA GLN A 106 13.38 28.40 -16.53
C GLN A 106 11.89 28.09 -16.50
N GLN A 107 11.22 28.48 -17.58
CA GLN A 107 9.79 28.24 -17.71
C GLN A 107 9.55 26.74 -17.61
N SER A 108 9.94 26.02 -18.65
CA SER A 108 9.76 24.58 -18.69
C SER A 108 10.17 23.95 -17.36
N PHE A 109 11.10 24.58 -16.65
CA PHE A 109 11.53 24.01 -15.37
C PHE A 109 10.49 24.28 -14.27
N LEU A 110 9.74 25.36 -14.41
CA LEU A 110 8.73 25.67 -13.42
C LEU A 110 7.48 24.83 -13.68
N ASN A 111 7.33 24.36 -14.92
CA ASN A 111 6.19 23.52 -15.28
C ASN A 111 6.43 22.08 -14.84
N VAL A 112 7.67 21.76 -14.53
CA VAL A 112 8.03 20.41 -14.11
C VAL A 112 7.20 19.98 -12.90
N ARG A 113 6.76 20.95 -12.09
CA ARG A 113 5.98 20.64 -10.92
C ARG A 113 4.55 20.29 -11.31
N ASN A 114 4.06 20.92 -12.38
CA ASN A 114 2.71 20.66 -12.86
C ASN A 114 2.70 19.24 -13.43
N TRP A 115 3.71 18.95 -14.25
CA TRP A 115 3.83 17.64 -14.87
C TRP A 115 3.85 16.52 -13.86
N SER A 117 2.58 16.16 -10.84
CA SER A 117 1.23 15.93 -10.31
C SER A 117 0.35 15.32 -11.43
N GLN A 118 0.51 15.85 -12.64
CA GLN A 118 -0.24 15.35 -13.79
C GLN A 118 0.02 13.84 -13.89
N LEU A 119 1.28 13.47 -13.68
CA LEU A 119 1.71 12.08 -13.75
C LEU A 119 1.09 11.31 -12.61
N GLN A 120 1.28 11.81 -11.39
CA GLN A 120 0.73 11.15 -10.22
C GLN A 120 -0.76 10.80 -10.33
N ALA A 121 -1.52 11.57 -11.10
CA ALA A 121 -2.94 11.33 -11.24
C ALA A 121 -3.35 10.44 -12.42
N ASN A 122 -2.51 10.34 -13.42
CA ASN A 122 -2.87 9.54 -14.57
C ASN A 122 -2.00 8.31 -14.76
N ALA A 123 -1.13 8.06 -13.79
CA ALA A 123 -0.27 6.90 -13.87
C ALA A 123 -0.92 5.76 -13.10
N TYR A 124 -0.35 4.56 -13.23
CA TYR A 124 -0.90 3.40 -12.55
C TYR A 124 -0.70 3.48 -11.06
N CYS A 125 0.11 4.43 -10.63
CA CYS A 125 0.39 4.56 -9.21
C CYS A 125 0.67 6.00 -8.87
N GLU A 126 0.75 6.29 -7.58
CA GLU A 126 1.02 7.65 -7.14
C GLU A 126 2.51 7.90 -7.22
N ASN A 127 3.29 6.86 -6.99
CA ASN A 127 4.73 6.98 -7.01
C ASN A 127 5.40 5.97 -7.93
N PRO A 128 5.38 6.24 -9.23
CA PRO A 128 6.00 5.32 -10.20
C PRO A 128 7.50 5.60 -10.23
N ASP A 129 8.26 4.74 -10.92
CA ASP A 129 9.69 4.96 -11.04
C ASP A 129 9.83 6.14 -11.98
N ILE A 130 10.61 7.14 -11.58
CA ILE A 130 10.76 8.33 -12.38
C ILE A 130 12.18 8.82 -12.36
N VAL A 131 12.53 9.57 -13.40
CA VAL A 131 13.85 10.15 -13.51
C VAL A 131 13.77 11.52 -14.15
N LEU A 132 14.28 12.53 -13.45
CA LEU A 132 14.29 13.92 -13.90
C LEU A 132 15.41 14.20 -14.90
N ILE A 133 15.05 14.79 -16.04
CA ILE A 133 16.02 15.06 -17.10
C ILE A 133 16.15 16.51 -17.55
N GLY A 134 17.37 17.03 -17.51
CA GLY A 134 17.66 18.39 -17.96
C GLY A 134 18.28 18.27 -19.34
N ASN A 135 17.55 18.68 -20.37
CA ASN A 135 18.05 18.54 -21.72
C ASN A 135 18.66 19.81 -22.31
N LYS A 136 19.50 19.60 -23.32
CA LYS A 136 20.19 20.65 -24.06
C LYS A 136 21.37 21.25 -23.30
N ALA A 137 22.22 20.35 -22.79
CA ALA A 137 23.42 20.73 -22.04
C ALA A 137 24.48 21.31 -22.96
N ASP A 138 24.43 20.92 -24.24
CA ASP A 138 25.37 21.38 -25.25
C ASP A 138 25.37 22.90 -25.49
N LEU A 139 24.38 23.62 -24.94
CA LEU A 139 24.31 25.06 -25.12
C LEU A 139 24.38 25.79 -23.78
N PRO A 140 25.53 25.67 -23.07
CA PRO A 140 25.72 26.32 -21.76
C PRO A 140 25.65 27.84 -21.81
N ASP A 141 25.90 28.40 -22.99
CA ASP A 141 25.86 29.85 -23.11
C ASP A 141 24.40 30.31 -22.97
N GLN A 142 23.47 29.46 -23.38
CA GLN A 142 22.04 29.79 -23.29
C GLN A 142 21.36 29.17 -22.07
N ARG A 143 22.13 28.59 -21.17
CA ARG A 143 21.58 27.97 -19.98
C ARG A 143 21.02 28.99 -19.01
N GLU A 144 19.94 28.61 -18.32
CA GLU A 144 19.29 29.49 -17.37
C GLU A 144 18.71 28.81 -16.15
N VAL A 145 19.00 27.54 -15.96
CA VAL A 145 18.46 26.83 -14.81
C VAL A 145 19.56 26.48 -13.82
N ASN A 146 19.51 27.08 -12.64
CA ASN A 146 20.53 26.82 -11.63
C ASN A 146 20.61 25.34 -11.30
N GLU A 147 21.80 24.77 -11.53
CA GLU A 147 22.05 23.37 -11.28
C GLU A 147 21.66 22.91 -9.89
N ARG A 148 21.84 23.76 -8.88
CA ARG A 148 21.50 23.36 -7.53
C ARG A 148 20.02 23.10 -7.31
N GLN A 149 19.18 23.98 -7.86
CA GLN A 149 17.75 23.82 -7.71
C GLN A 149 17.34 22.49 -8.32
N ALA A 150 17.61 22.34 -9.61
CA ALA A 150 17.28 21.12 -10.32
C ALA A 150 17.75 19.91 -9.53
N ARG A 151 18.95 20.01 -8.96
CA ARG A 151 19.49 18.89 -8.19
C ARG A 151 18.76 18.70 -6.86
N GLU A 152 18.28 19.79 -6.28
CA GLU A 152 17.58 19.72 -5.01
C GLU A 152 16.14 19.24 -5.22
N LEU A 153 15.48 19.76 -6.26
CA LEU A 153 14.12 19.33 -6.56
C LEU A 153 14.14 17.83 -6.76
N ALA A 154 15.13 17.35 -7.50
CA ALA A 154 15.28 15.93 -7.77
C ALA A 154 15.50 15.14 -6.49
N GLU A 155 15.85 15.82 -5.41
CA GLU A 155 16.09 15.14 -4.14
C GLU A 155 14.85 15.23 -3.28
N LYS A 156 13.97 16.15 -3.63
CA LYS A 156 12.72 16.32 -2.91
C LYS A 156 11.84 15.14 -3.30
N TYR A 157 11.93 14.75 -4.56
CA TYR A 157 11.15 13.65 -5.09
C TYR A 157 11.83 12.31 -4.88
N GLY A 158 13.10 12.34 -4.51
CA GLY A 158 13.84 11.11 -4.32
C GLY A 158 13.94 10.50 -5.69
N ILE A 159 14.39 11.32 -6.63
CA ILE A 159 14.51 10.96 -8.04
C ILE A 159 15.89 11.27 -8.64
N PRO A 160 16.37 10.42 -9.56
CA PRO A 160 17.67 10.67 -10.19
C PRO A 160 17.56 11.85 -11.19
N TYR A 161 18.60 12.68 -11.24
CA TYR A 161 18.62 13.82 -12.14
C TYR A 161 19.81 13.67 -13.09
N PHE A 162 19.64 14.11 -14.33
CA PHE A 162 20.69 14.02 -15.33
C PHE A 162 20.61 15.15 -16.32
N GLU A 163 21.68 15.92 -16.45
CA GLU A 163 21.69 17.00 -17.43
C GLU A 163 22.09 16.26 -18.71
N THR A 164 21.29 16.38 -19.76
CA THR A 164 21.56 15.65 -21.00
C THR A 164 21.59 16.47 -22.26
N SER A 165 21.95 15.83 -23.37
CA SER A 165 22.00 16.49 -24.68
C SER A 165 21.71 15.53 -25.83
N ALA A 166 20.56 15.70 -26.46
CA ALA A 166 20.20 14.87 -27.60
C ALA A 166 21.24 15.09 -28.68
N ALA A 167 21.86 16.27 -28.67
CA ALA A 167 22.88 16.65 -29.64
C ALA A 167 24.18 15.86 -29.43
N THR A 168 24.87 16.15 -28.33
CA THR A 168 26.12 15.47 -27.99
C THR A 168 25.86 14.03 -27.52
N GLY A 169 24.62 13.72 -27.18
CA GLY A 169 24.30 12.39 -26.69
C GLY A 169 24.63 12.27 -25.21
N GLN A 170 25.12 13.36 -24.65
CA GLN A 170 25.51 13.43 -23.24
C GLN A 170 24.52 12.88 -22.25
N ASN A 171 24.77 11.65 -21.82
CA ASN A 171 23.95 10.95 -20.84
C ASN A 171 22.64 10.39 -21.37
N VAL A 172 22.26 10.78 -22.58
CA VAL A 172 21.01 10.28 -23.13
C VAL A 172 20.93 8.78 -22.86
N GLU A 173 22.02 8.08 -23.15
CA GLU A 173 22.10 6.64 -22.94
C GLU A 173 22.02 6.28 -21.46
N LYS A 174 22.81 6.99 -20.66
CA LYS A 174 22.91 6.75 -19.23
C LYS A 174 21.59 6.89 -18.48
N SER A 175 20.93 8.03 -18.64
CA SER A 175 19.65 8.30 -17.98
C SER A 175 18.66 7.16 -18.21
N VAL A 176 18.43 6.86 -19.48
CA VAL A 176 17.49 5.82 -19.87
C VAL A 176 17.78 4.48 -19.25
N GLU A 177 19.05 4.14 -19.15
CA GLU A 177 19.41 2.85 -18.60
C GLU A 177 19.42 2.88 -17.09
N THR A 178 19.03 4.03 -16.54
CA THR A 178 18.96 4.20 -15.09
C THR A 178 17.50 4.02 -14.65
N LEU A 179 16.59 4.48 -15.51
CA LEU A 179 15.16 4.35 -15.27
C LEU A 179 14.86 2.88 -15.42
N LEU A 180 15.44 2.30 -16.46
CA LEU A 180 15.28 0.90 -16.79
C LEU A 180 15.70 0.06 -15.59
N ASP A 181 16.91 0.28 -15.12
CA ASP A 181 17.43 -0.45 -13.98
C ASP A 181 16.56 -0.17 -12.75
N LEU A 182 15.87 0.96 -12.75
CA LEU A 182 15.00 1.30 -11.63
C LEU A 182 13.74 0.45 -11.68
N ILE A 183 13.28 0.19 -12.89
CA ILE A 183 12.08 -0.62 -13.06
C ILE A 183 12.42 -2.09 -12.89
N LYS A 185 14.33 -3.38 -10.76
CA LYS A 185 14.41 -3.72 -9.35
C LYS A 185 13.01 -3.89 -8.81
N ARG A 186 12.06 -3.20 -9.43
CA ARG A 186 10.66 -3.27 -9.02
C ARG A 186 10.09 -4.64 -9.39
N GLU A 188 11.67 -7.53 -10.32
CA GLU A 188 12.34 -8.60 -9.60
C GLU A 188 11.84 -8.89 -8.18
N LYS A 189 11.06 -8.00 -7.60
CA LYS A 189 10.57 -8.24 -6.24
C LYS A 189 9.20 -8.92 -6.28
N CYS A 190 9.05 -9.89 -7.17
CA CYS A 190 7.81 -10.63 -7.31
C CYS A 190 8.13 -12.12 -7.20
N ARG B 11 -15.91 12.72 -20.29
CA ARG B 11 -15.17 11.65 -21.04
C ARG B 11 -14.11 12.34 -21.91
N LEU B 12 -13.00 11.61 -22.16
CA LEU B 12 -11.94 12.14 -23.03
C LEU B 12 -12.64 12.60 -24.31
N ASP B 13 -12.61 13.90 -24.60
CA ASP B 13 -13.32 14.46 -25.77
C ASP B 13 -12.45 14.84 -26.97
N LEU B 14 -12.33 13.93 -27.95
CA LEU B 14 -11.49 14.19 -29.14
C LEU B 14 -12.07 14.99 -30.35
N SER B 15 -13.27 15.58 -30.21
CA SER B 15 -13.81 16.28 -31.39
C SER B 15 -12.78 17.31 -31.89
N THR B 16 -12.18 18.07 -30.96
CA THR B 16 -11.17 19.07 -31.35
C THR B 16 -10.20 18.53 -32.43
N LEU B 17 -9.75 17.28 -32.31
CA LEU B 17 -8.82 16.73 -33.30
C LEU B 17 -9.28 16.93 -34.76
N THR B 18 -8.44 17.55 -35.58
CA THR B 18 -8.76 17.70 -37.01
C THR B 18 -8.59 16.25 -37.52
N ASP B 19 -9.05 15.95 -38.72
CA ASP B 19 -8.90 14.58 -39.23
C ASP B 19 -7.47 14.09 -39.58
N GLU B 20 -6.61 14.92 -40.21
CA GLU B 20 -5.24 14.38 -40.54
C GLU B 20 -4.63 13.86 -39.25
N GLU B 21 -4.91 14.59 -38.17
CA GLU B 21 -4.43 14.25 -36.84
C GLU B 21 -5.09 12.95 -36.42
N ALA B 22 -6.42 12.95 -36.37
CA ALA B 22 -7.18 11.78 -35.98
C ALA B 22 -6.60 10.54 -36.64
N GLU B 23 -6.48 10.59 -37.97
CA GLU B 23 -5.95 9.47 -38.73
C GLU B 23 -4.59 9.01 -38.20
N HIS B 24 -3.77 9.96 -37.75
CA HIS B 24 -2.44 9.67 -37.20
C HIS B 24 -2.52 8.93 -35.85
N VAL B 25 -3.24 9.52 -34.90
CA VAL B 25 -3.42 8.92 -33.57
C VAL B 25 -3.82 7.43 -33.68
N TRP B 26 -4.91 7.17 -34.37
CA TRP B 26 -5.40 5.80 -34.58
C TRP B 26 -4.26 4.89 -34.99
N ALA B 27 -3.49 5.31 -35.99
CA ALA B 27 -2.37 4.51 -36.47
C ALA B 27 -1.52 4.12 -35.29
N VAL B 28 -1.01 5.12 -34.57
CA VAL B 28 -0.19 4.85 -33.41
C VAL B 28 -0.91 3.83 -32.53
N VAL B 29 -2.19 4.04 -32.26
CA VAL B 29 -2.97 3.10 -31.45
C VAL B 29 -3.02 1.69 -32.03
N GLN B 30 -3.10 1.59 -33.35
CA GLN B 30 -3.12 0.27 -33.99
C GLN B 30 -1.84 -0.44 -33.64
N ARG B 31 -0.72 0.23 -33.88
CA ARG B 31 0.56 -0.35 -33.58
C ARG B 31 0.60 -0.82 -32.14
N ASP B 32 -0.03 -0.06 -31.23
CA ASP B 32 -0.01 -0.48 -29.84
C ASP B 32 -0.78 -1.77 -29.67
N PHE B 33 -1.92 -1.89 -30.34
CA PHE B 33 -2.69 -3.11 -30.21
C PHE B 33 -1.91 -4.26 -30.82
N ASP B 34 -1.28 -4.04 -31.96
CA ASP B 34 -0.48 -5.11 -32.59
C ASP B 34 0.49 -5.63 -31.55
N LEU B 35 1.12 -4.69 -30.86
CA LEU B 35 2.09 -4.98 -29.82
C LEU B 35 1.52 -5.83 -28.71
N ARG B 36 0.41 -5.37 -28.12
CA ARG B 36 -0.25 -6.09 -27.03
C ARG B 36 -0.58 -7.51 -27.43
N ARG B 37 -1.16 -7.65 -28.61
CA ARG B 37 -1.51 -8.96 -29.11
C ARG B 37 -0.27 -9.84 -29.01
N ARG B 38 0.80 -9.42 -29.68
CA ARG B 38 2.06 -10.12 -29.71
C ARG B 38 2.56 -10.50 -28.33
N GLU B 39 2.56 -9.57 -27.39
CA GLU B 39 3.04 -9.87 -26.05
C GLU B 39 2.23 -10.93 -25.31
N GLU B 40 0.94 -11.04 -25.63
CA GLU B 40 0.12 -12.03 -24.95
C GLU B 40 0.37 -13.42 -25.51
N GLU B 41 0.70 -13.47 -26.79
CA GLU B 41 0.97 -14.73 -27.44
C GLU B 41 2.37 -15.19 -27.03
N ARG B 42 3.26 -14.24 -26.81
CA ARG B 42 4.60 -14.57 -26.39
C ARG B 42 4.51 -15.28 -25.03
N LEU B 43 3.75 -14.68 -24.12
CA LEU B 43 3.55 -15.25 -22.79
C LEU B 43 2.79 -16.57 -22.84
N GLN B 44 1.80 -16.66 -23.74
CA GLN B 44 1.04 -17.89 -23.90
C GLN B 44 2.04 -19.00 -24.21
N GLY B 45 2.74 -18.83 -25.34
CA GLY B 45 3.73 -19.80 -25.78
C GLY B 45 4.62 -20.29 -24.65
N LEU B 46 5.21 -19.39 -23.88
CA LEU B 46 6.07 -19.78 -22.78
C LEU B 46 5.30 -20.57 -21.74
N LYS B 47 4.10 -20.12 -21.41
CA LYS B 47 3.30 -20.82 -20.43
C LYS B 47 3.00 -22.19 -21.00
N GLY B 48 3.00 -22.27 -22.33
CA GLY B 48 2.75 -23.53 -22.98
C GLY B 48 3.96 -24.44 -22.83
N LYS B 49 5.14 -23.87 -22.96
CA LYS B 49 6.32 -24.66 -22.82
C LYS B 49 6.49 -25.17 -21.39
N ILE B 50 6.11 -24.37 -20.39
CA ILE B 50 6.25 -24.83 -19.01
C ILE B 50 5.33 -25.99 -18.68
N GLN B 51 4.13 -26.03 -19.27
CA GLN B 51 3.22 -27.13 -18.99
C GLN B 51 3.70 -28.40 -19.68
N LYS B 52 4.10 -28.29 -20.94
CA LYS B 52 4.57 -29.45 -21.65
C LYS B 52 5.73 -30.07 -20.89
N GLU B 53 6.81 -29.32 -20.69
CA GLU B 53 7.96 -29.85 -19.98
C GLU B 53 7.59 -30.34 -18.60
N SER B 54 6.69 -29.63 -17.93
CA SER B 54 6.30 -30.03 -16.58
C SER B 54 5.56 -31.36 -16.56
N SER B 55 4.71 -31.61 -17.55
CA SER B 55 3.98 -32.88 -17.56
C SER B 55 4.92 -34.02 -17.94
N LYS B 56 5.91 -33.75 -18.79
CA LYS B 56 6.86 -34.78 -19.15
C LYS B 56 7.50 -35.28 -17.86
N ARG B 57 7.82 -34.36 -16.95
CA ARG B 57 8.43 -34.73 -15.68
C ARG B 57 7.49 -35.64 -14.90
N GLU B 58 6.21 -35.33 -14.94
CA GLU B 58 5.21 -36.10 -14.22
C GLU B 58 5.02 -37.53 -14.76
N LEU B 59 5.50 -37.78 -15.98
CA LEU B 59 5.38 -39.10 -16.59
C LEU B 59 6.59 -39.94 -16.29
N LEU B 60 7.75 -39.39 -16.62
CA LEU B 60 9.00 -40.06 -16.41
C LEU B 60 9.23 -40.17 -14.91
N SER B 61 8.35 -39.55 -14.15
CA SER B 61 8.46 -39.57 -12.69
C SER B 61 8.45 -40.98 -12.13
N ASP B 62 7.90 -41.94 -12.87
CA ASP B 62 7.86 -43.30 -12.35
C ASP B 62 8.89 -44.22 -12.98
N THR B 63 9.88 -43.60 -13.61
CA THR B 63 10.97 -44.32 -14.25
C THR B 63 12.22 -44.10 -13.38
N ALA B 64 12.33 -44.90 -12.34
CA ALA B 64 13.42 -44.86 -11.38
C ALA B 64 14.79 -44.33 -11.82
N HIS B 65 15.30 -43.39 -11.04
CA HIS B 65 16.63 -42.80 -11.24
C HIS B 65 17.08 -42.42 -12.65
N LEU B 66 16.15 -42.04 -13.51
CA LEU B 66 16.52 -41.69 -14.87
C LEU B 66 17.39 -40.45 -14.96
N ASN B 67 17.18 -39.47 -14.09
CA ASN B 67 17.94 -38.22 -14.13
C ASN B 67 19.43 -38.42 -13.88
N GLU B 68 19.77 -39.52 -13.22
CA GLU B 68 21.15 -39.81 -12.94
C GLU B 68 22.00 -40.00 -14.20
N THR B 69 21.42 -40.57 -15.24
CA THR B 69 22.18 -40.80 -16.47
C THR B 69 21.74 -39.96 -17.67
N HIS B 70 20.50 -39.48 -17.64
CA HIS B 70 19.98 -38.70 -18.76
C HIS B 70 19.60 -37.26 -18.37
N CYS B 71 19.86 -36.31 -19.26
CA CYS B 71 19.48 -34.91 -19.01
C CYS B 71 17.97 -34.85 -18.77
N ALA B 72 17.56 -34.10 -17.75
CA ALA B 72 16.15 -33.96 -17.38
C ALA B 72 15.31 -33.25 -18.45
N ARG B 73 15.96 -32.53 -19.35
CA ARG B 73 15.26 -31.79 -20.37
C ARG B 73 15.26 -32.48 -21.73
N CYS B 74 16.45 -32.71 -22.32
CA CYS B 74 16.52 -33.35 -23.62
C CYS B 74 16.62 -34.88 -23.57
N LEU B 75 16.80 -35.43 -22.38
CA LEU B 75 16.88 -36.87 -22.20
C LEU B 75 18.06 -37.54 -22.87
N GLN B 76 18.90 -36.77 -23.54
CA GLN B 76 20.07 -37.35 -24.18
C GLN B 76 20.96 -37.90 -23.07
N PRO B 77 21.84 -38.88 -23.39
CA PRO B 77 22.73 -39.45 -22.36
C PRO B 77 23.96 -38.56 -22.10
N TYR B 78 24.29 -38.35 -20.83
CA TYR B 78 25.43 -37.53 -20.46
C TYR B 78 26.76 -37.86 -21.15
N ARG B 79 27.19 -39.11 -21.05
CA ARG B 79 28.46 -39.51 -21.65
C ARG B 79 28.61 -39.16 -23.11
N LEU B 80 27.49 -38.87 -23.78
CA LEU B 80 27.55 -38.56 -25.20
C LEU B 80 27.79 -37.10 -25.54
N LEU B 81 27.66 -36.23 -24.55
CA LEU B 81 27.82 -34.79 -24.74
C LEU B 81 29.23 -34.23 -24.68
N LEU B 82 29.40 -32.98 -25.11
CA LEU B 82 30.70 -32.31 -25.09
C LEU B 82 30.80 -31.25 -23.99
N ASN B 83 29.73 -31.08 -23.23
CA ASN B 83 29.73 -30.13 -22.14
C ASN B 83 29.66 -30.95 -20.86
N SER B 84 29.30 -30.32 -19.75
CA SER B 84 29.25 -31.07 -18.50
C SER B 84 28.06 -30.84 -17.58
N ARG B 85 27.41 -31.94 -17.24
CA ARG B 85 26.24 -32.00 -16.36
C ARG B 85 26.16 -30.84 -15.35
N ARG B 86 24.94 -30.37 -15.04
CA ARG B 86 24.71 -29.28 -14.08
C ARG B 86 23.44 -29.46 -13.29
N GLN B 87 23.40 -28.94 -12.07
CA GLN B 87 22.22 -29.05 -11.22
C GLN B 87 21.42 -27.74 -11.25
N CYS B 88 20.10 -27.84 -11.35
CA CYS B 88 19.33 -26.60 -11.33
C CYS B 88 19.29 -26.14 -9.89
N LEU B 89 19.60 -24.87 -9.64
CA LEU B 89 19.59 -24.36 -8.29
C LEU B 89 18.17 -24.33 -7.74
N GLU B 90 17.19 -24.50 -8.63
CA GLU B 90 15.79 -24.46 -8.26
C GLU B 90 15.14 -25.80 -7.95
N CYS B 91 15.00 -26.64 -8.97
CA CYS B 91 14.37 -27.95 -8.78
C CYS B 91 15.41 -29.06 -8.57
N SER B 92 16.67 -28.64 -8.42
CA SER B 92 17.80 -29.54 -8.19
C SER B 92 17.91 -30.84 -9.01
N LEU B 93 17.49 -30.80 -10.28
CA LEU B 93 17.63 -31.97 -11.15
C LEU B 93 18.81 -31.63 -12.04
N PHE B 94 19.35 -32.61 -12.76
CA PHE B 94 20.49 -32.31 -13.61
C PHE B 94 20.09 -32.19 -15.05
N VAL B 95 20.83 -31.36 -15.78
CA VAL B 95 20.58 -31.13 -17.19
C VAL B 95 21.90 -30.78 -17.86
N CYS B 96 21.95 -30.91 -19.18
CA CYS B 96 23.18 -30.61 -19.91
C CYS B 96 23.35 -29.10 -20.03
N LYS B 97 24.54 -28.69 -20.47
CA LYS B 97 24.83 -27.28 -20.65
C LYS B 97 23.80 -26.62 -21.56
N SER B 98 23.51 -27.27 -22.67
CA SER B 98 22.56 -26.74 -23.65
C SER B 98 21.16 -26.49 -23.10
N CYS B 99 20.78 -27.23 -22.07
CA CYS B 99 19.44 -27.09 -21.48
C CYS B 99 19.47 -26.32 -20.17
N SER B 100 20.62 -25.76 -19.86
CA SER B 100 20.78 -25.01 -18.62
C SER B 100 21.01 -23.53 -18.90
N HIS B 101 20.85 -22.72 -17.86
CA HIS B 101 21.03 -21.28 -17.96
C HIS B 101 21.55 -20.74 -16.64
N ALA B 102 22.47 -19.78 -16.71
CA ALA B 102 23.05 -19.16 -15.53
C ALA B 102 22.08 -18.11 -15.01
N HIS B 103 21.53 -18.28 -13.81
CA HIS B 103 20.57 -17.28 -13.37
C HIS B 103 21.10 -16.03 -12.69
N PRO B 104 20.33 -14.94 -12.78
CA PRO B 104 20.52 -13.58 -12.28
C PRO B 104 21.36 -13.32 -11.05
N GLU B 105 21.05 -13.97 -9.94
CA GLU B 105 21.80 -13.69 -8.71
C GLU B 105 22.09 -14.88 -7.82
N GLU B 106 23.19 -15.59 -8.12
CA GLU B 106 23.64 -16.75 -7.37
C GLU B 106 24.62 -17.60 -8.17
N GLN B 107 25.72 -17.98 -7.54
CA GLN B 107 26.72 -18.81 -8.22
C GLN B 107 26.03 -20.12 -8.59
N GLY B 108 25.76 -20.33 -9.88
CA GLY B 108 25.10 -21.56 -10.29
C GLY B 108 24.38 -21.54 -11.63
N TRP B 109 23.32 -22.35 -11.75
CA TRP B 109 22.54 -22.41 -12.99
C TRP B 109 21.06 -22.73 -12.75
N LEU B 110 20.30 -22.74 -13.85
CA LEU B 110 18.86 -23.05 -13.87
C LEU B 110 18.55 -23.91 -15.08
N CYS B 111 17.59 -24.83 -14.95
CA CYS B 111 17.22 -25.68 -16.08
C CYS B 111 16.30 -24.91 -17.03
N ASP B 112 16.44 -25.14 -18.34
CA ASP B 112 15.62 -24.41 -19.32
C ASP B 112 14.15 -24.22 -18.93
N PRO B 113 13.58 -25.16 -18.20
CA PRO B 113 12.19 -24.95 -17.82
C PRO B 113 12.12 -23.91 -16.70
N CYS B 114 12.85 -24.16 -15.62
CA CYS B 114 12.87 -23.24 -14.48
C CYS B 114 13.20 -21.82 -14.90
N HIS B 115 13.99 -21.68 -15.97
CA HIS B 115 14.36 -20.37 -16.49
C HIS B 115 13.14 -19.69 -17.08
N LEU B 116 12.42 -20.37 -17.95
CA LEU B 116 11.21 -19.79 -18.55
C LEU B 116 10.22 -19.51 -17.43
N ALA B 117 10.12 -20.45 -16.50
CA ALA B 117 9.22 -20.33 -15.37
C ALA B 117 9.39 -18.98 -14.70
N ARG B 118 10.63 -18.51 -14.67
CA ARG B 118 10.95 -17.22 -14.05
C ARG B 118 10.74 -15.99 -14.95
N VAL B 119 11.09 -16.09 -16.23
CA VAL B 119 10.88 -14.99 -17.16
C VAL B 119 9.39 -14.67 -17.16
N VAL B 120 8.58 -15.72 -17.10
CA VAL B 120 7.13 -15.59 -17.08
C VAL B 120 6.59 -14.89 -15.83
N LYS B 121 7.08 -15.26 -14.65
CA LYS B 121 6.59 -14.65 -13.42
C LYS B 121 6.96 -13.18 -13.33
N ILE B 122 8.15 -12.84 -13.81
CA ILE B 122 8.56 -11.46 -13.78
C ILE B 122 7.98 -10.75 -14.99
N GLY B 123 8.06 -11.42 -16.14
CA GLY B 123 7.57 -10.88 -17.41
C GLY B 123 6.11 -10.49 -17.52
N SER B 124 5.23 -11.23 -16.86
CA SER B 124 3.82 -10.93 -16.91
C SER B 124 3.54 -9.57 -16.27
N LEU B 125 4.23 -9.27 -15.19
CA LEU B 125 4.07 -7.99 -14.51
C LEU B 125 2.73 -7.80 -13.84
N GLU B 126 2.27 -8.85 -13.19
CA GLU B 126 0.99 -8.82 -12.48
C GLU B 126 0.91 -7.58 -11.59
N TRP B 127 1.95 -7.34 -10.80
CA TRP B 127 1.95 -6.17 -9.91
C TRP B 127 1.51 -4.89 -10.63
N TYR B 128 2.05 -4.68 -11.82
CA TYR B 128 1.74 -3.49 -12.60
C TYR B 128 0.33 -3.50 -13.20
N TYR B 129 0.04 -4.48 -14.05
CA TYR B 129 -1.28 -4.57 -14.69
C TYR B 129 -2.48 -4.62 -13.76
N GLN B 130 -2.28 -5.00 -12.50
CA GLN B 130 -3.40 -5.05 -11.57
C GLN B 130 -3.62 -3.69 -10.90
N HIS B 131 -2.53 -2.98 -10.59
CA HIS B 131 -2.66 -1.67 -9.99
C HIS B 131 -3.23 -0.76 -11.07
N VAL B 132 -2.89 -1.05 -12.33
CA VAL B 132 -3.39 -0.27 -13.45
C VAL B 132 -4.90 -0.50 -13.57
N ARG B 133 -5.27 -1.78 -13.55
CA ARG B 133 -6.66 -2.21 -13.69
C ARG B 133 -7.56 -1.80 -12.53
N ALA B 134 -6.96 -1.55 -11.36
CA ALA B 134 -7.73 -1.17 -10.19
C ALA B 134 -7.86 0.33 -9.99
N ARG B 135 -7.20 1.09 -10.86
CA ARG B 135 -7.22 2.56 -10.78
C ARG B 135 -7.97 3.14 -11.97
N PHE B 136 -8.00 2.40 -13.06
CA PHE B 136 -8.72 2.81 -14.26
C PHE B 136 -9.39 1.51 -14.66
N LYS B 137 -10.32 1.58 -15.60
CA LYS B 137 -10.98 0.36 -15.99
C LYS B 137 -10.33 -0.30 -17.22
N ARG B 138 -9.60 0.50 -17.99
CA ARG B 138 -8.95 -0.02 -19.18
C ARG B 138 -7.67 0.74 -19.40
N PHE B 139 -6.82 0.20 -20.27
CA PHE B 139 -5.56 0.85 -20.56
C PHE B 139 -5.68 1.94 -21.62
N GLY B 140 -4.67 2.80 -21.67
CA GLY B 140 -4.66 3.91 -22.61
C GLY B 140 -5.28 3.72 -23.97
N SER B 141 -4.68 2.89 -24.82
CA SER B 141 -5.21 2.69 -26.17
C SER B 141 -6.67 2.31 -26.20
N ALA B 142 -7.09 1.53 -25.21
CA ALA B 142 -8.47 1.12 -25.11
C ALA B 142 -9.32 2.38 -24.95
N LYS B 143 -9.11 3.12 -23.86
CA LYS B 143 -9.86 4.34 -23.60
C LYS B 143 -9.89 5.20 -24.87
N VAL B 144 -8.71 5.52 -25.37
CA VAL B 144 -8.60 6.32 -26.57
C VAL B 144 -9.28 5.73 -27.80
N ILE B 145 -9.58 4.44 -27.80
CA ILE B 145 -10.23 3.85 -28.98
C ILE B 145 -11.73 4.15 -29.07
N ARG B 146 -12.41 4.12 -27.93
CA ARG B 146 -13.84 4.37 -27.88
C ARG B 146 -14.11 5.86 -28.13
N SER B 147 -13.18 6.66 -27.64
CA SER B 147 -13.23 8.11 -27.77
C SER B 147 -13.00 8.50 -29.21
N LEU B 148 -12.24 7.68 -29.91
CA LEU B 148 -11.92 7.94 -31.30
C LEU B 148 -13.03 7.36 -32.15
N CYS B 149 -14.00 6.76 -31.46
CA CYS B 149 -15.15 6.18 -32.15
C CYS B 149 -16.19 7.27 -32.36
N GLY B 150 -15.99 8.41 -31.69
CA GLY B 150 -16.88 9.56 -31.85
C GLY B 150 -16.70 10.17 -33.24
N ARG B 151 -16.47 9.30 -34.22
CA ARG B 151 -16.26 9.64 -35.61
C ARG B 151 -16.57 8.36 -36.38
N ASP C 7 -18.75 4.01 32.17
CA ASP C 7 -19.63 5.07 31.59
C ASP C 7 -19.11 5.51 30.24
N TYR C 8 -19.47 4.76 29.20
CA TYR C 8 -19.04 5.06 27.85
C TYR C 8 -19.78 4.08 26.93
N ASP C 9 -20.01 4.48 25.69
CA ASP C 9 -20.74 3.64 24.76
C ASP C 9 -19.85 2.59 24.11
N TYR C 10 -18.62 2.97 23.78
CA TYR C 10 -17.69 2.05 23.14
C TYR C 10 -16.32 1.93 23.82
N LEU C 11 -15.70 0.75 23.63
CA LEU C 11 -14.38 0.46 24.14
C LEU C 11 -13.52 0.08 22.94
N ILE C 12 -12.65 0.99 22.53
CA ILE C 12 -11.80 0.71 21.39
C ILE C 12 -10.39 0.35 21.85
N LYS C 13 -9.76 -0.59 21.17
CA LYS C 13 -8.41 -0.99 21.53
C LYS C 13 -7.41 -0.68 20.42
N LEU C 14 -6.43 0.16 20.74
CA LEU C 14 -5.40 0.54 19.80
C LEU C 14 -4.05 0.08 20.30
N LEU C 15 -3.12 -0.13 19.38
CA LEU C 15 -1.80 -0.60 19.75
C LEU C 15 -0.73 -0.05 18.81
N ALA C 16 0.37 0.39 19.41
CA ALA C 16 1.50 0.92 18.66
C ALA C 16 2.71 -0.03 18.72
N LEU C 17 3.25 -0.34 17.55
CA LEU C 17 4.41 -1.20 17.44
C LEU C 17 5.48 -0.50 16.60
N GLY C 18 6.69 -1.05 16.58
CA GLY C 18 7.76 -0.44 15.82
C GLY C 18 9.11 -0.61 16.50
N ASP C 19 10.18 -0.18 15.83
CA ASP C 19 11.51 -0.34 16.41
C ASP C 19 11.61 0.41 17.73
N SER C 20 12.62 0.05 18.51
CA SER C 20 12.83 0.66 19.82
C SER C 20 13.49 2.02 19.73
N GLY C 21 12.88 3.00 20.39
CA GLY C 21 13.41 4.35 20.38
C GLY C 21 12.70 5.27 19.40
N VAL C 22 12.00 4.70 18.42
CA VAL C 22 11.30 5.51 17.42
C VAL C 22 10.37 6.53 18.08
N GLY C 23 10.07 6.33 19.36
CA GLY C 23 9.22 7.26 20.07
C GLY C 23 7.82 6.78 20.38
N LYS C 24 7.59 5.48 20.27
CA LYS C 24 6.27 4.93 20.54
C LYS C 24 5.68 5.46 21.85
N THR C 25 6.21 5.02 22.99
CA THR C 25 5.73 5.45 24.29
C THR C 25 5.51 6.95 24.43
N THR C 26 6.50 7.73 24.04
CA THR C 26 6.39 9.18 24.15
C THR C 26 5.19 9.68 23.33
N PHE C 27 5.01 9.11 22.14
CA PHE C 27 3.92 9.48 21.24
C PHE C 27 2.54 9.28 21.87
N LEU C 28 2.44 8.35 22.82
CA LEU C 28 1.17 8.08 23.48
C LEU C 28 0.91 9.01 24.65
N TYR C 29 1.90 9.19 25.53
CA TYR C 29 1.75 10.07 26.68
C TYR C 29 1.36 11.46 26.17
N ARG C 30 1.75 11.72 24.93
CA ARG C 30 1.44 12.98 24.29
C ARG C 30 -0.08 13.05 24.09
N TYR C 31 -0.63 12.02 23.45
CA TYR C 31 -2.06 11.94 23.18
C TYR C 31 -2.94 11.92 24.43
N THR C 32 -2.40 11.39 25.52
CA THR C 32 -3.14 11.28 26.77
C THR C 32 -3.11 12.47 27.70
N ASP C 33 -1.92 13.02 27.95
CA ASP C 33 -1.79 14.16 28.85
C ASP C 33 -1.38 15.46 28.17
N ASN C 34 -1.27 15.45 26.85
CA ASN C 34 -0.89 16.62 26.08
C ASN C 34 0.33 17.34 26.68
N LYS C 35 1.42 16.60 26.81
CA LYS C 35 2.68 17.10 27.36
C LYS C 35 3.82 16.39 26.63
N PHE C 36 5.06 16.66 27.03
CA PHE C 36 6.24 16.04 26.43
C PHE C 36 7.27 15.73 27.52
N ASN C 37 7.73 14.49 27.56
CA ASN C 37 8.74 14.09 28.54
C ASN C 37 9.92 13.50 27.76
N PRO C 38 11.11 14.07 27.96
CA PRO C 38 12.36 13.64 27.30
C PRO C 38 13.00 12.31 27.72
N LYS C 39 12.60 11.76 28.86
CA LYS C 39 13.19 10.50 29.35
C LYS C 39 12.97 9.26 28.46
N PHE C 40 14.02 8.46 28.29
CA PHE C 40 13.98 7.24 27.48
C PHE C 40 14.18 5.96 28.30
N ILE C 41 13.12 5.50 28.95
CA ILE C 41 13.21 4.27 29.74
C ILE C 41 12.56 3.12 28.99
N THR C 42 13.28 2.57 28.01
CA THR C 42 12.78 1.47 27.18
C THR C 42 11.66 0.73 27.89
N THR C 43 10.57 0.50 27.17
CA THR C 43 9.41 -0.19 27.75
C THR C 43 9.71 -1.67 28.01
N VAL C 44 9.29 -2.15 29.18
CA VAL C 44 9.53 -3.54 29.57
C VAL C 44 8.33 -4.45 29.32
N GLY C 45 8.32 -5.15 28.19
CA GLY C 45 7.21 -6.04 27.87
C GLY C 45 6.06 -5.29 27.21
N ILE C 46 5.00 -5.06 27.96
CA ILE C 46 3.84 -4.33 27.45
C ILE C 46 3.55 -3.21 28.42
N ASP C 47 2.53 -2.43 28.09
CA ASP C 47 2.11 -1.33 28.92
C ASP C 47 1.00 -0.60 28.19
N PHE C 48 -0.05 -0.22 28.90
CA PHE C 48 -1.15 0.46 28.25
C PHE C 48 -1.64 1.69 28.99
N ARG C 49 -2.09 2.68 28.22
CA ARG C 49 -2.65 3.92 28.77
C ARG C 49 -4.12 4.02 28.40
N GLU C 50 -4.91 4.68 29.25
CA GLU C 50 -6.35 4.84 29.04
C GLU C 50 -6.81 6.28 28.88
N LYS C 51 -7.58 6.56 27.83
CA LYS C 51 -8.09 7.90 27.61
C LYS C 51 -9.52 7.85 27.10
N ARG C 52 -10.40 8.65 27.71
CA ARG C 52 -11.79 8.73 27.28
C ARG C 52 -11.89 9.83 26.25
N VAL C 53 -12.45 9.50 25.10
CA VAL C 53 -12.59 10.46 24.02
C VAL C 53 -14.03 10.56 23.55
N VAL C 54 -14.34 11.64 22.84
CA VAL C 54 -15.68 11.83 22.33
C VAL C 54 -15.68 11.80 20.81
N TYR C 55 -15.98 10.65 20.24
CA TYR C 55 -16.04 10.56 18.79
C TYR C 55 -17.31 11.31 18.41
N ASP C 56 -17.19 12.27 17.48
CA ASP C 56 -18.34 13.07 17.09
C ASP C 56 -19.32 12.54 16.04
N THR C 57 -18.84 12.10 14.89
CA THR C 57 -19.73 11.61 13.83
C THR C 57 -21.00 10.93 14.36
N PHE C 68 -21.14 10.26 21.05
CA PHE C 68 -20.66 8.96 21.51
C PHE C 68 -19.33 9.08 22.26
N LYS C 69 -19.29 8.57 23.48
CA LYS C 69 -18.07 8.63 24.27
C LYS C 69 -17.33 7.31 24.14
N VAL C 70 -16.11 7.38 23.64
CA VAL C 70 -15.27 6.19 23.46
C VAL C 70 -14.25 6.03 24.57
N HIS C 71 -13.99 4.80 24.97
CA HIS C 71 -12.98 4.54 25.98
C HIS C 71 -11.86 3.79 25.28
N LEU C 72 -10.72 4.46 25.17
CA LEU C 72 -9.57 3.89 24.49
C LEU C 72 -8.59 3.23 25.42
N GLN C 73 -8.05 2.11 24.93
CA GLN C 73 -7.03 1.34 25.65
C GLN C 73 -5.88 1.33 24.65
N LEU C 74 -4.91 2.24 24.87
CA LEU C 74 -3.75 2.38 23.98
C LEU C 74 -2.58 1.49 24.35
N TRP C 75 -2.40 0.38 23.63
CA TRP C 75 -1.32 -0.55 23.91
C TRP C 75 0.07 -0.09 23.41
N ASP C 76 1.00 -0.01 24.36
CA ASP C 76 2.39 0.40 24.14
C ASP C 76 3.31 -0.85 24.12
N THR C 77 3.81 -1.21 22.94
CA THR C 77 4.65 -2.40 22.83
C THR C 77 6.13 -2.11 22.97
N ALA C 78 6.90 -3.15 23.31
CA ALA C 78 8.34 -3.02 23.49
C ALA C 78 9.06 -3.27 22.18
N GLY C 79 9.99 -2.38 21.83
CA GLY C 79 10.73 -2.54 20.59
C GLY C 79 11.83 -3.58 20.62
N LEU C 80 12.63 -3.58 21.68
CA LEU C 80 13.72 -4.54 21.79
C LEU C 80 13.26 -5.97 21.47
N GLU C 81 13.97 -6.62 20.56
CA GLU C 81 13.65 -7.99 20.15
C GLU C 81 13.83 -8.99 21.28
N ARG C 82 13.98 -8.46 22.49
CA ARG C 82 14.17 -9.26 23.69
C ARG C 82 12.81 -9.68 24.24
N PHE C 83 11.79 -8.87 23.97
CA PHE C 83 10.44 -9.14 24.43
C PHE C 83 9.49 -9.43 23.28
N ARG C 84 10.01 -9.55 22.07
CA ARG C 84 9.13 -9.79 20.94
C ARG C 84 8.08 -10.86 21.21
N SER C 85 8.50 -12.07 21.54
CA SER C 85 7.55 -13.14 21.81
C SER C 85 6.43 -12.69 22.75
N LEU C 86 6.81 -12.11 23.88
CA LEU C 86 5.85 -11.61 24.85
C LEU C 86 5.09 -10.41 24.31
N THR C 87 5.72 -9.59 23.49
CA THR C 87 5.05 -8.40 22.99
C THR C 87 3.98 -8.66 21.94
N THR C 88 4.22 -9.59 21.02
CA THR C 88 3.23 -9.86 19.97
C THR C 88 2.03 -10.68 20.47
N ALA C 89 2.14 -11.20 21.68
CA ALA C 89 1.06 -11.96 22.27
C ALA C 89 -0.11 -11.02 22.55
N PHE C 90 0.09 -9.74 22.28
CA PHE C 90 -0.96 -8.77 22.51
C PHE C 90 -1.47 -8.18 21.22
N PHE C 91 -0.80 -8.52 20.13
CA PHE C 91 -1.18 -8.02 18.83
C PHE C 91 -2.63 -8.36 18.49
N ARG C 92 -3.10 -9.47 19.05
CA ARG C 92 -4.46 -9.97 18.81
C ARG C 92 -5.49 -9.12 19.56
N ASP C 93 -5.05 -8.45 20.61
CA ASP C 93 -5.93 -7.64 21.41
C ASP C 93 -6.20 -6.25 20.83
N ALA C 94 -5.61 -5.93 19.69
CA ALA C 94 -5.81 -4.62 19.10
C ALA C 94 -6.78 -4.69 17.93
N GLY C 96 -6.96 -1.72 15.96
CA GLY C 96 -6.34 -0.76 15.07
C GLY C 96 -4.88 -0.62 15.41
N PHE C 97 -4.05 -0.38 14.40
CA PHE C 97 -2.62 -0.26 14.63
C PHE C 97 -1.92 1.02 14.20
N LEU C 98 -1.00 1.46 15.05
CA LEU C 98 -0.17 2.64 14.83
C LEU C 98 1.24 2.14 14.54
N LEU C 99 1.51 1.85 13.26
CA LEU C 99 2.81 1.36 12.85
C LEU C 99 3.72 2.56 12.60
N PHE C 101 7.80 4.64 12.72
CA PHE C 101 9.25 4.63 12.52
C PHE C 101 9.73 6.04 12.86
N ASP C 102 11.03 6.22 13.06
CA ASP C 102 11.54 7.55 13.38
C ASP C 102 12.00 8.25 12.11
N LEU C 103 11.50 9.47 11.89
CA LEU C 103 11.88 10.25 10.72
C LEU C 103 13.40 10.38 10.64
N THR C 104 14.04 10.33 11.79
CA THR C 104 15.49 10.45 11.91
C THR C 104 16.18 9.09 12.08
N SER C 105 16.01 8.20 11.10
CA SER C 105 16.64 6.88 11.13
C SER C 105 16.12 5.98 10.03
N GLN C 106 16.82 5.97 8.89
CA GLN C 106 16.41 5.14 7.78
C GLN C 106 16.40 3.65 8.17
N GLN C 107 16.94 3.32 9.36
CA GLN C 107 16.97 1.92 9.79
C GLN C 107 15.64 1.46 10.37
N SER C 108 14.96 2.33 11.10
CA SER C 108 13.66 1.98 11.66
C SER C 108 12.68 1.89 10.49
N PHE C 109 12.69 2.92 9.65
CA PHE C 109 11.84 2.99 8.48
C PHE C 109 11.94 1.72 7.61
N LEU C 110 13.15 1.23 7.42
CA LEU C 110 13.34 0.03 6.62
C LEU C 110 12.83 -1.22 7.33
N ASN C 111 12.66 -1.12 8.64
CA ASN C 111 12.19 -2.25 9.42
C ASN C 111 10.66 -2.32 9.52
N VAL C 112 10.00 -1.29 9.03
CA VAL C 112 8.56 -1.26 9.05
C VAL C 112 8.07 -2.51 8.34
N ARG C 113 8.71 -2.84 7.23
CA ARG C 113 8.34 -4.02 6.48
C ARG C 113 8.29 -5.26 7.36
N ASN C 114 9.31 -5.44 8.18
CA ASN C 114 9.38 -6.63 9.04
C ASN C 114 8.35 -6.63 10.16
N TRP C 115 7.91 -5.46 10.59
CA TRP C 115 6.89 -5.40 11.63
C TRP C 115 5.59 -5.89 11.00
N SER C 117 4.86 -7.90 8.63
CA SER C 117 4.74 -9.35 8.52
C SER C 117 4.55 -9.95 9.90
N GLN C 118 5.07 -9.27 10.92
CA GLN C 118 4.94 -9.74 12.29
C GLN C 118 3.52 -9.42 12.74
N LEU C 119 3.10 -8.22 12.40
CA LEU C 119 1.77 -7.71 12.71
C LEU C 119 0.71 -8.61 12.10
N GLN C 120 0.70 -8.69 10.78
CA GLN C 120 -0.26 -9.50 10.06
C GLN C 120 -0.35 -10.97 10.44
N ALA C 121 0.62 -11.48 11.19
CA ALA C 121 0.58 -12.89 11.58
C ALA C 121 0.20 -13.08 13.04
N ASN C 122 0.09 -11.98 13.77
CA ASN C 122 -0.27 -12.06 15.18
C ASN C 122 -1.46 -11.19 15.51
N ALA C 123 -1.90 -10.40 14.53
CA ALA C 123 -3.06 -9.55 14.76
C ALA C 123 -4.27 -10.44 14.61
N TYR C 124 -5.45 -9.91 14.88
CA TYR C 124 -6.67 -10.70 14.77
C TYR C 124 -7.00 -11.01 13.30
N CYS C 125 -6.82 -10.01 12.46
CA CYS C 125 -7.10 -10.15 11.04
C CYS C 125 -5.81 -9.95 10.24
N GLU C 126 -5.81 -10.50 9.03
CA GLU C 126 -4.66 -10.38 8.13
C GLU C 126 -4.45 -8.93 7.73
N ASN C 127 -5.54 -8.27 7.34
CA ASN C 127 -5.47 -6.88 6.94
C ASN C 127 -6.30 -6.00 7.87
N PRO C 128 -5.73 -5.64 9.03
CA PRO C 128 -6.43 -4.80 10.01
C PRO C 128 -6.32 -3.31 9.73
N ASP C 129 -6.95 -2.51 10.57
CA ASP C 129 -6.90 -1.05 10.45
C ASP C 129 -5.54 -0.55 10.93
N ILE C 130 -4.77 0.01 10.02
CA ILE C 130 -3.44 0.51 10.32
C ILE C 130 -3.27 1.94 9.83
N VAL C 131 -2.29 2.63 10.39
CA VAL C 131 -1.99 4.00 9.99
C VAL C 131 -0.50 4.24 10.20
N LEU C 132 0.25 4.32 9.12
CA LEU C 132 1.69 4.54 9.20
C LEU C 132 2.00 5.93 9.77
N ILE C 133 2.99 5.99 10.67
CA ILE C 133 3.35 7.26 11.29
C ILE C 133 4.85 7.54 11.27
N GLY C 134 5.18 8.78 10.92
CA GLY C 134 6.58 9.21 10.90
C GLY C 134 6.76 10.15 12.08
N ASN C 135 7.50 9.70 13.09
CA ASN C 135 7.71 10.51 14.28
C ASN C 135 8.98 11.35 14.33
N LYS C 136 8.90 12.44 15.10
CA LYS C 136 10.00 13.39 15.29
C LYS C 136 10.30 14.22 14.05
N ALA C 137 9.35 15.08 13.70
CA ALA C 137 9.48 15.98 12.56
C ALA C 137 9.87 17.35 13.12
N ASP C 138 10.34 17.33 14.37
CA ASP C 138 10.75 18.53 15.08
C ASP C 138 12.27 18.63 15.10
N LEU C 139 12.93 17.76 14.35
CA LEU C 139 14.39 17.75 14.28
C LEU C 139 14.85 17.49 12.85
N PRO C 140 14.55 18.43 11.94
CA PRO C 140 14.89 18.38 10.52
C PRO C 140 16.37 18.08 10.22
N ASP C 141 17.26 18.63 11.02
CA ASP C 141 18.68 18.40 10.81
C ASP C 141 19.01 16.90 10.79
N GLN C 142 18.24 16.13 11.55
CA GLN C 142 18.45 14.69 11.61
C GLN C 142 17.50 13.94 10.68
N ARG C 143 16.56 14.66 10.09
CA ARG C 143 15.58 14.08 9.18
C ARG C 143 16.31 13.39 8.04
N GLU C 144 16.45 12.07 8.13
CA GLU C 144 17.14 11.32 7.10
C GLU C 144 16.22 10.47 6.23
N VAL C 145 14.91 10.59 6.42
CA VAL C 145 13.95 9.79 5.62
C VAL C 145 13.18 10.59 4.57
N ASN C 146 13.32 10.18 3.32
CA ASN C 146 12.64 10.85 2.21
C ASN C 146 11.12 10.76 2.36
N GLU C 147 10.47 11.92 2.33
CA GLU C 147 9.03 11.99 2.48
C GLU C 147 8.30 11.25 1.38
N ARG C 148 8.91 11.18 0.20
CA ARG C 148 8.29 10.48 -0.91
C ARG C 148 8.35 8.97 -0.79
N GLN C 149 9.12 8.47 0.17
CA GLN C 149 9.23 7.03 0.36
C GLN C 149 8.15 6.56 1.34
N ALA C 150 8.00 7.30 2.43
CA ALA C 150 7.01 6.98 3.44
C ALA C 150 5.66 6.86 2.75
N ARG C 151 5.33 7.85 1.92
CA ARG C 151 4.08 7.83 1.20
C ARG C 151 3.98 6.63 0.27
N GLU C 152 5.13 6.14 -0.21
CA GLU C 152 5.17 4.99 -1.11
C GLU C 152 4.78 3.71 -0.38
N LEU C 153 5.44 3.45 0.74
CA LEU C 153 5.17 2.27 1.56
C LEU C 153 3.70 2.32 1.96
N ALA C 154 3.27 3.50 2.41
CA ALA C 154 1.89 3.73 2.84
C ALA C 154 0.92 3.26 1.78
N GLU C 155 1.20 3.55 0.52
CA GLU C 155 0.34 3.14 -0.58
C GLU C 155 0.48 1.66 -0.91
N LYS C 156 1.69 1.14 -0.87
CA LYS C 156 1.93 -0.27 -1.15
C LYS C 156 1.01 -1.12 -0.26
N TYR C 157 0.63 -0.54 0.87
CA TYR C 157 -0.24 -1.19 1.85
C TYR C 157 -1.67 -0.66 1.80
N GLY C 158 -1.82 0.64 1.54
CA GLY C 158 -3.14 1.25 1.47
C GLY C 158 -3.45 1.87 2.83
N ILE C 159 -2.39 2.31 3.50
CA ILE C 159 -2.48 2.90 4.82
C ILE C 159 -2.18 4.40 4.88
N PRO C 160 -3.00 5.16 5.62
CA PRO C 160 -2.78 6.61 5.75
C PRO C 160 -1.46 6.83 6.48
N TYR C 161 -0.70 7.84 6.07
CA TYR C 161 0.59 8.14 6.69
C TYR C 161 0.61 9.56 7.25
N PHE C 162 1.25 9.75 8.40
CA PHE C 162 1.34 11.08 9.00
C PHE C 162 2.71 11.33 9.59
N GLU C 163 3.15 12.59 9.52
CA GLU C 163 4.42 12.99 10.12
C GLU C 163 4.05 13.70 11.42
N THR C 164 4.45 13.11 12.53
CA THR C 164 4.12 13.67 13.83
C THR C 164 5.32 13.82 14.76
N SER C 165 5.25 14.78 15.66
CA SER C 165 6.30 15.03 16.62
C SER C 165 5.71 15.09 18.01
N ALA C 166 5.95 14.07 18.82
CA ALA C 166 5.43 14.02 20.18
C ALA C 166 5.82 15.30 20.92
N ALA C 167 6.88 15.94 20.47
CA ALA C 167 7.39 17.16 21.09
C ALA C 167 6.55 18.40 20.73
N THR C 168 6.27 18.56 19.45
CA THR C 168 5.48 19.69 18.97
C THR C 168 3.99 19.34 19.04
N GLY C 169 3.68 18.06 18.93
CA GLY C 169 2.29 17.63 18.98
C GLY C 169 1.68 17.64 17.59
N GLN C 170 2.53 17.81 16.58
CA GLN C 170 2.08 17.85 15.20
C GLN C 170 1.37 16.58 14.76
N ASN C 171 0.07 16.70 14.49
CA ASN C 171 -0.75 15.58 14.04
C ASN C 171 -0.87 14.39 14.99
N VAL C 172 -0.78 14.64 16.30
CA VAL C 172 -0.92 13.56 17.26
C VAL C 172 -2.40 13.23 17.25
N GLU C 173 -3.22 14.28 17.13
CA GLU C 173 -4.66 14.10 17.08
C GLU C 173 -5.02 13.53 15.72
N LYS C 174 -4.76 14.33 14.69
CA LYS C 174 -5.05 13.99 13.30
C LYS C 174 -4.86 12.52 12.91
N SER C 175 -3.65 12.00 13.05
CA SER C 175 -3.36 10.62 12.69
C SER C 175 -4.14 9.63 13.55
N VAL C 176 -4.10 9.83 14.87
CA VAL C 176 -4.80 8.95 15.82
C VAL C 176 -6.29 8.86 15.48
N GLU C 177 -6.94 10.02 15.42
CA GLU C 177 -8.36 10.09 15.12
C GLU C 177 -8.69 9.52 13.77
N THR C 178 -7.71 9.47 12.88
CA THR C 178 -7.94 8.90 11.55
C THR C 178 -8.11 7.41 11.77
N LEU C 179 -7.27 6.87 12.63
CA LEU C 179 -7.29 5.47 12.96
C LEU C 179 -8.61 5.16 13.64
N LEU C 180 -8.91 5.96 14.66
CA LEU C 180 -10.13 5.82 15.43
C LEU C 180 -11.36 5.86 14.51
N ASP C 181 -11.20 6.52 13.36
CA ASP C 181 -12.28 6.66 12.40
C ASP C 181 -12.39 5.42 11.51
N LEU C 182 -11.24 4.89 11.11
CA LEU C 182 -11.18 3.71 10.26
C LEU C 182 -11.88 2.55 10.96
N ILE C 183 -11.92 2.63 12.29
CA ILE C 183 -12.53 1.60 13.11
C ILE C 183 -14.01 1.85 13.27
N LYS C 185 -15.79 2.79 11.44
CA LYS C 185 -16.40 2.50 10.15
C LYS C 185 -16.63 1.02 9.98
N ARG C 186 -15.76 0.21 10.58
CA ARG C 186 -15.87 -1.23 10.51
C ARG C 186 -16.94 -1.73 11.44
N GLU C 188 -19.79 -0.16 12.25
CA GLU C 188 -21.12 0.14 11.72
C GLU C 188 -21.56 -0.74 10.56
N LYS C 189 -20.71 -1.70 10.18
CA LYS C 189 -21.05 -2.60 9.09
C LYS C 189 -21.64 -3.90 9.63
N CYS C 190 -22.14 -3.89 10.85
CA CYS C 190 -22.72 -5.09 11.46
C CYS C 190 -24.24 -5.04 11.51
N ARG D 11 4.92 -22.77 23.30
CA ARG D 11 4.45 -21.92 24.43
C ARG D 11 5.25 -20.63 24.51
N LEU D 12 4.92 -19.82 25.50
CA LEU D 12 5.61 -18.55 25.75
C LEU D 12 6.63 -18.91 26.79
N ASP D 13 7.64 -18.07 26.98
CA ASP D 13 8.69 -18.39 27.94
C ASP D 13 9.13 -17.19 28.76
N LEU D 14 8.54 -17.07 29.95
CA LEU D 14 8.85 -15.98 30.85
C LEU D 14 9.77 -16.42 31.98
N SER D 15 10.87 -17.05 31.58
CA SER D 15 11.89 -17.50 32.51
C SER D 15 13.03 -16.50 32.29
N THR D 16 13.14 -16.03 31.05
CA THR D 16 14.13 -15.05 30.64
C THR D 16 13.91 -13.76 31.42
N LEU D 17 12.66 -13.53 31.79
CA LEU D 17 12.27 -12.35 32.55
C LEU D 17 12.80 -12.40 33.97
N THR D 18 13.37 -11.28 34.40
CA THR D 18 13.91 -11.13 35.75
C THR D 18 12.69 -10.94 36.65
N ASP D 19 12.83 -11.23 37.94
CA ASP D 19 11.70 -11.08 38.84
C ASP D 19 11.12 -9.66 38.95
N GLU D 20 11.89 -8.64 38.54
CA GLU D 20 11.35 -7.29 38.58
C GLU D 20 10.50 -7.06 37.34
N GLU D 21 10.93 -7.67 36.24
CA GLU D 21 10.22 -7.57 34.97
C GLU D 21 8.93 -8.39 35.08
N ALA D 22 9.02 -9.56 35.68
CA ALA D 22 7.86 -10.42 35.83
C ALA D 22 6.75 -9.70 36.60
N GLU D 23 7.15 -8.91 37.58
CA GLU D 23 6.21 -8.16 38.40
C GLU D 23 5.50 -7.05 37.60
N HIS D 24 6.25 -6.39 36.72
CA HIS D 24 5.70 -5.32 35.90
C HIS D 24 4.68 -5.91 34.94
N VAL D 25 5.07 -6.94 34.20
CA VAL D 25 4.15 -7.57 33.27
C VAL D 25 2.85 -7.94 33.98
N TRP D 26 2.97 -8.64 35.11
CA TRP D 26 1.81 -9.01 35.90
C TRP D 26 0.93 -7.80 36.16
N ALA D 27 1.53 -6.77 36.74
CA ALA D 27 0.84 -5.54 37.05
C ALA D 27 0.06 -4.98 35.87
N VAL D 28 0.65 -5.01 34.69
CA VAL D 28 -0.04 -4.52 33.51
C VAL D 28 -1.24 -5.42 33.25
N VAL D 29 -1.02 -6.74 33.30
CA VAL D 29 -2.08 -7.72 33.09
C VAL D 29 -3.20 -7.61 34.13
N GLN D 30 -2.83 -7.56 35.41
CA GLN D 30 -3.81 -7.43 36.49
C GLN D 30 -4.76 -6.31 36.12
N ARG D 31 -4.24 -5.34 35.38
CA ARG D 31 -4.98 -4.16 34.95
C ARG D 31 -5.88 -4.49 33.76
N ASP D 32 -5.38 -5.34 32.85
CA ASP D 32 -6.16 -5.70 31.67
C ASP D 32 -7.39 -6.51 32.03
N PHE D 33 -7.30 -7.33 33.08
CA PHE D 33 -8.44 -8.09 33.50
C PHE D 33 -9.51 -7.20 34.12
N ASP D 34 -9.10 -6.23 34.93
CA ASP D 34 -10.09 -5.35 35.51
C ASP D 34 -10.79 -4.62 34.40
N LEU D 35 -10.04 -4.21 33.39
CA LEU D 35 -10.62 -3.49 32.28
C LEU D 35 -11.59 -4.39 31.54
N ARG D 36 -11.22 -5.66 31.38
CA ARG D 36 -12.09 -6.59 30.69
C ARG D 36 -13.33 -6.96 31.49
N ARG D 37 -13.22 -6.99 32.81
CA ARG D 37 -14.37 -7.33 33.64
C ARG D 37 -15.37 -6.19 33.56
N ARG D 38 -14.88 -5.00 33.87
CA ARG D 38 -15.69 -3.79 33.86
C ARG D 38 -16.43 -3.70 32.54
N GLU D 39 -15.78 -4.06 31.44
CA GLU D 39 -16.42 -4.00 30.14
C GLU D 39 -17.49 -5.07 29.97
N GLU D 40 -17.29 -6.25 30.56
CA GLU D 40 -18.32 -7.26 30.43
C GLU D 40 -19.52 -6.92 31.27
N GLU D 41 -19.27 -6.32 32.44
CA GLU D 41 -20.36 -5.95 33.33
C GLU D 41 -21.18 -4.83 32.70
N ARG D 42 -20.50 -3.91 32.05
CA ARG D 42 -21.13 -2.79 31.39
C ARG D 42 -22.14 -3.30 30.36
N LEU D 43 -21.72 -4.24 29.53
CA LEU D 43 -22.63 -4.77 28.52
C LEU D 43 -23.68 -5.64 29.16
N GLN D 44 -23.48 -6.02 30.40
CA GLN D 44 -24.46 -6.84 31.09
C GLN D 44 -25.58 -5.93 31.59
N GLY D 45 -25.21 -4.74 32.06
CA GLY D 45 -26.20 -3.81 32.56
C GLY D 45 -27.03 -3.17 31.47
N LEU D 46 -26.47 -3.02 30.28
CA LEU D 46 -27.21 -2.43 29.20
C LEU D 46 -28.26 -3.40 28.71
N LYS D 47 -27.95 -4.69 28.75
CA LYS D 47 -28.91 -5.69 28.32
C LYS D 47 -29.95 -5.88 29.42
N GLY D 48 -29.54 -5.66 30.66
CA GLY D 48 -30.46 -5.80 31.77
C GLY D 48 -31.49 -4.70 31.65
N LYS D 49 -31.01 -3.50 31.38
CA LYS D 49 -31.88 -2.35 31.23
C LYS D 49 -32.84 -2.51 30.08
N ILE D 50 -32.36 -3.12 29.00
CA ILE D 50 -33.20 -3.32 27.81
C ILE D 50 -34.28 -4.36 28.09
N GLN D 51 -33.92 -5.39 28.84
CA GLN D 51 -34.86 -6.46 29.19
C GLN D 51 -35.99 -5.97 30.08
N LYS D 52 -35.67 -5.06 30.98
CA LYS D 52 -36.64 -4.48 31.90
C LYS D 52 -37.64 -3.62 31.12
N GLU D 53 -37.13 -2.80 30.20
CA GLU D 53 -37.98 -1.94 29.40
C GLU D 53 -38.87 -2.77 28.49
N SER D 54 -38.38 -3.90 28.02
CA SER D 54 -39.20 -4.70 27.13
C SER D 54 -40.21 -5.50 27.93
N SER D 55 -39.92 -5.70 29.21
CA SER D 55 -40.82 -6.43 30.11
C SER D 55 -41.92 -5.49 30.55
N LYS D 56 -41.58 -4.21 30.64
CA LYS D 56 -42.56 -3.22 31.05
C LYS D 56 -43.56 -2.99 29.94
N ARG D 57 -43.07 -2.97 28.70
CA ARG D 57 -43.94 -2.73 27.56
C ARG D 57 -44.96 -3.84 27.35
N GLU D 58 -44.68 -5.02 27.87
CA GLU D 58 -45.60 -6.15 27.73
C GLU D 58 -46.68 -6.07 28.82
N LEU D 59 -46.28 -5.67 30.02
CA LEU D 59 -47.22 -5.53 31.11
C LEU D 59 -48.16 -4.40 30.74
N LEU D 60 -47.60 -3.24 30.43
CA LEU D 60 -48.40 -2.08 30.07
C LEU D 60 -49.00 -2.13 28.67
N SER D 61 -49.12 -3.30 28.08
CA SER D 61 -49.71 -3.38 26.76
C SER D 61 -51.20 -3.64 26.90
N ASP D 62 -51.62 -3.85 28.14
CA ASP D 62 -53.02 -4.14 28.44
C ASP D 62 -53.78 -2.91 28.90
N THR D 63 -53.20 -1.75 28.65
CA THR D 63 -53.84 -0.48 29.01
C THR D 63 -53.97 0.29 27.70
N ALA D 64 -55.03 -0.04 26.97
CA ALA D 64 -55.32 0.55 25.66
C ALA D 64 -55.05 2.04 25.48
N HIS D 65 -54.27 2.33 24.44
CA HIS D 65 -53.92 3.69 24.03
C HIS D 65 -53.19 4.55 25.05
N LEU D 66 -52.51 3.92 25.99
CA LEU D 66 -51.77 4.66 27.02
C LEU D 66 -50.63 5.45 26.39
N ASN D 67 -50.08 4.89 25.32
CA ASN D 67 -48.95 5.49 24.60
C ASN D 67 -49.32 6.86 24.06
N GLU D 68 -50.60 7.03 23.74
CA GLU D 68 -51.08 8.28 23.19
C GLU D 68 -51.00 9.47 24.14
N THR D 69 -51.19 9.22 25.44
CA THR D 69 -51.15 10.30 26.42
C THR D 69 -49.87 10.26 27.24
N HIS D 70 -49.29 9.09 27.38
CA HIS D 70 -48.08 8.98 28.17
C HIS D 70 -46.88 8.50 27.35
N CYS D 71 -45.68 8.87 27.81
CA CYS D 71 -44.45 8.47 27.14
C CYS D 71 -44.28 6.98 27.30
N ALA D 72 -43.75 6.33 26.27
CA ALA D 72 -43.54 4.89 26.28
C ALA D 72 -42.42 4.48 27.23
N ARG D 73 -41.54 5.43 27.54
CA ARG D 73 -40.39 5.17 28.41
C ARG D 73 -40.48 5.75 29.82
N CYS D 74 -40.67 7.05 29.96
CA CYS D 74 -40.74 7.60 31.30
C CYS D 74 -42.15 7.56 31.85
N LEU D 75 -43.11 7.38 30.96
CA LEU D 75 -44.51 7.31 31.36
C LEU D 75 -45.10 8.61 31.92
N GLN D 76 -44.52 9.76 31.58
CA GLN D 76 -45.07 11.03 32.06
C GLN D 76 -46.02 11.51 30.98
N PRO D 77 -47.02 12.33 31.34
CA PRO D 77 -47.94 12.80 30.30
C PRO D 77 -47.26 13.85 29.45
N TYR D 78 -47.43 13.74 28.14
CA TYR D 78 -46.83 14.69 27.22
C TYR D 78 -47.10 16.13 27.64
N ARG D 79 -48.37 16.46 27.92
CA ARG D 79 -48.78 17.81 28.32
C ARG D 79 -47.91 18.48 29.35
N LEU D 80 -47.27 17.70 30.21
CA LEU D 80 -46.40 18.27 31.24
C LEU D 80 -45.01 18.51 30.68
N LEU D 81 -44.77 18.00 29.48
CA LEU D 81 -43.48 18.10 28.84
C LEU D 81 -43.32 19.28 27.89
N LEU D 82 -42.41 20.19 28.24
CA LEU D 82 -42.17 21.38 27.42
C LEU D 82 -41.66 20.97 26.04
N ASN D 83 -41.34 19.69 25.91
CA ASN D 83 -40.82 19.16 24.66
C ASN D 83 -41.87 18.32 23.90
N SER D 84 -42.16 18.70 22.66
CA SER D 84 -43.17 18.00 21.84
C SER D 84 -42.90 16.52 21.53
N ARG D 85 -43.96 15.74 21.52
CA ARG D 85 -43.91 14.29 21.26
C ARG D 85 -43.15 13.89 20.00
N ARG D 86 -42.47 12.73 20.06
CA ARG D 86 -41.68 12.17 18.94
C ARG D 86 -41.92 10.67 18.76
N GLN D 87 -41.97 10.22 17.51
CA GLN D 87 -42.15 8.80 17.22
C GLN D 87 -40.78 8.19 17.04
N CYS D 88 -40.67 6.87 17.18
CA CYS D 88 -39.39 6.20 17.01
C CYS D 88 -39.39 5.27 15.82
N LEU D 89 -38.48 5.51 14.87
CA LEU D 89 -38.35 4.72 13.66
C LEU D 89 -38.25 3.21 13.91
N GLU D 90 -37.78 2.81 15.08
CA GLU D 90 -37.63 1.40 15.41
C GLU D 90 -38.91 0.69 15.85
N CYS D 91 -39.27 0.84 17.13
CA CYS D 91 -40.48 0.22 17.66
C CYS D 91 -41.75 0.98 17.26
N SER D 92 -41.54 2.20 16.73
CA SER D 92 -42.62 3.09 16.30
C SER D 92 -43.65 3.44 17.39
N LEU D 93 -43.16 3.92 18.52
CA LEU D 93 -44.03 4.34 19.60
C LEU D 93 -43.80 5.82 19.72
N PHE D 94 -44.26 6.43 20.80
CA PHE D 94 -44.06 7.85 20.96
C PHE D 94 -43.36 8.08 22.27
N VAL D 95 -42.49 9.08 22.31
CA VAL D 95 -41.76 9.39 23.52
C VAL D 95 -41.46 10.87 23.61
N CYS D 96 -41.11 11.32 24.80
CA CYS D 96 -40.78 12.71 25.00
C CYS D 96 -39.35 12.89 24.53
N LYS D 97 -38.99 14.14 24.24
CA LYS D 97 -37.64 14.46 23.80
C LYS D 97 -36.54 13.89 24.69
N SER D 98 -36.71 13.97 26.00
CA SER D 98 -35.70 13.48 26.92
C SER D 98 -35.45 11.99 26.77
N CYS D 99 -36.46 11.28 26.31
CA CYS D 99 -36.34 9.84 26.13
C CYS D 99 -35.91 9.44 24.72
N SER D 100 -35.61 10.41 23.89
CA SER D 100 -35.21 10.10 22.52
C SER D 100 -33.83 10.59 22.14
N HIS D 101 -33.31 10.01 21.06
CA HIS D 101 -32.00 10.33 20.50
C HIS D 101 -32.20 10.19 19.00
N ALA D 102 -31.77 11.15 18.19
CA ALA D 102 -31.91 11.00 16.75
C ALA D 102 -30.76 10.08 16.35
N HIS D 103 -31.03 9.05 15.54
CA HIS D 103 -29.95 8.12 15.18
C HIS D 103 -29.02 8.61 14.08
N PRO D 104 -27.70 8.45 14.32
CA PRO D 104 -26.53 8.81 13.51
C PRO D 104 -26.64 8.97 12.00
N GLU D 105 -27.43 8.14 11.34
CA GLU D 105 -27.52 8.26 9.89
C GLU D 105 -28.89 7.92 9.32
N GLU D 106 -29.81 8.89 9.40
CA GLU D 106 -31.17 8.74 8.90
C GLU D 106 -32.09 9.79 9.51
N GLN D 107 -33.15 10.14 8.78
CA GLN D 107 -34.11 11.12 9.27
C GLN D 107 -35.09 10.45 10.21
N GLY D 108 -35.02 10.82 11.50
CA GLY D 108 -35.90 10.24 12.50
C GLY D 108 -35.24 10.15 13.85
N TRP D 109 -35.93 9.54 14.80
CA TRP D 109 -35.38 9.40 16.14
C TRP D 109 -35.41 7.96 16.66
N LEU D 110 -34.79 7.77 17.82
CA LEU D 110 -34.71 6.47 18.49
C LEU D 110 -34.99 6.67 19.98
N CYS D 111 -35.79 5.78 20.58
CA CYS D 111 -36.09 5.91 22.00
C CYS D 111 -34.97 5.28 22.82
N ASP D 112 -34.65 5.87 23.96
CA ASP D 112 -33.57 5.34 24.80
C ASP D 112 -33.41 3.84 24.62
N PRO D 113 -34.48 3.05 24.86
CA PRO D 113 -34.42 1.59 24.72
C PRO D 113 -33.89 1.05 23.38
N CYS D 114 -34.48 1.50 22.28
CA CYS D 114 -34.05 1.04 20.95
C CYS D 114 -32.66 1.53 20.59
N HIS D 115 -32.21 2.57 21.29
CA HIS D 115 -30.91 3.16 21.10
C HIS D 115 -29.88 2.31 21.81
N LEU D 116 -30.11 1.98 23.08
CA LEU D 116 -29.16 1.11 23.78
C LEU D 116 -29.02 -0.17 22.99
N ALA D 117 -30.10 -0.57 22.34
CA ALA D 117 -30.10 -1.77 21.55
C ALA D 117 -29.11 -1.62 20.41
N ARG D 118 -28.92 -0.38 19.96
CA ARG D 118 -27.97 -0.05 18.89
C ARG D 118 -26.56 -0.16 19.47
N VAL D 119 -26.32 0.60 20.52
CA VAL D 119 -25.03 0.60 21.18
C VAL D 119 -24.55 -0.80 21.51
N VAL D 120 -25.39 -1.62 22.12
CA VAL D 120 -24.97 -2.97 22.48
C VAL D 120 -24.65 -3.82 21.25
N LYS D 121 -25.36 -3.60 20.16
CA LYS D 121 -25.10 -4.38 18.96
C LYS D 121 -23.70 -4.01 18.49
N ILE D 122 -23.50 -2.73 18.23
CA ILE D 122 -22.22 -2.25 17.78
C ILE D 122 -21.10 -2.49 18.78
N GLY D 123 -21.33 -2.14 20.04
CA GLY D 123 -20.32 -2.32 21.07
C GLY D 123 -19.86 -3.72 21.43
N SER D 124 -20.56 -4.74 20.94
CA SER D 124 -20.19 -6.11 21.23
C SER D 124 -19.11 -6.56 20.28
N LEU D 125 -18.90 -5.77 19.23
CA LEU D 125 -17.86 -6.06 18.25
C LEU D 125 -17.81 -7.51 17.78
N GLU D 126 -18.95 -8.09 17.41
CA GLU D 126 -18.97 -9.48 16.96
C GLU D 126 -17.95 -9.80 15.86
N TRP D 127 -17.79 -8.91 14.89
CA TRP D 127 -16.84 -9.11 13.82
C TRP D 127 -15.44 -9.37 14.40
N TYR D 128 -14.96 -8.43 15.22
CA TYR D 128 -13.66 -8.55 15.85
C TYR D 128 -13.56 -9.83 16.65
N TYR D 129 -14.37 -9.93 17.71
CA TYR D 129 -14.33 -11.09 18.58
C TYR D 129 -14.45 -12.45 17.94
N GLN D 130 -14.84 -12.51 16.68
CA GLN D 130 -14.91 -13.82 16.06
C GLN D 130 -13.57 -14.12 15.43
N HIS D 131 -13.18 -13.36 14.40
CA HIS D 131 -11.89 -13.57 13.75
C HIS D 131 -10.83 -13.97 14.78
N VAL D 132 -10.70 -13.18 15.84
CA VAL D 132 -9.74 -13.49 16.88
C VAL D 132 -9.95 -14.92 17.37
N ARG D 133 -11.17 -15.23 17.77
CA ARG D 133 -11.48 -16.56 18.28
C ARG D 133 -11.13 -17.67 17.29
N ALA D 134 -11.33 -17.40 16.00
CA ALA D 134 -11.04 -18.37 14.95
C ALA D 134 -9.63 -18.24 14.40
N ARG D 135 -8.67 -17.98 15.28
CA ARG D 135 -7.28 -17.82 14.90
C ARG D 135 -6.40 -17.83 16.14
N PHE D 136 -7.04 -17.77 17.31
CA PHE D 136 -6.35 -17.82 18.61
C PHE D 136 -7.37 -18.33 19.61
N LYS D 137 -7.02 -19.37 20.34
CA LYS D 137 -7.94 -19.93 21.32
C LYS D 137 -8.21 -18.97 22.45
N ARG D 138 -7.36 -17.96 22.59
CA ARG D 138 -7.50 -17.00 23.67
C ARG D 138 -6.98 -15.63 23.30
N PHE D 139 -6.98 -14.74 24.28
CA PHE D 139 -6.51 -13.38 24.07
C PHE D 139 -5.21 -13.13 24.85
N GLY D 140 -4.53 -12.04 24.50
CA GLY D 140 -3.28 -11.65 25.12
C GLY D 140 -2.97 -12.06 26.55
N SER D 141 -3.47 -11.28 27.50
CA SER D 141 -3.22 -11.55 28.90
C SER D 141 -3.60 -12.95 29.34
N ALA D 142 -4.49 -13.59 28.58
CA ALA D 142 -4.94 -14.95 28.91
C ALA D 142 -3.80 -15.92 28.70
N LYS D 143 -3.11 -15.73 27.56
CA LYS D 143 -1.98 -16.54 27.18
C LYS D 143 -0.80 -16.21 28.10
N VAL D 144 -0.50 -14.93 28.24
CA VAL D 144 0.60 -14.48 29.10
C VAL D 144 0.54 -14.95 30.56
N ILE D 145 -0.63 -14.88 31.18
CA ILE D 145 -0.73 -15.29 32.58
C ILE D 145 -0.38 -16.75 32.83
N ARG D 146 -0.56 -17.61 31.84
CA ARG D 146 -0.25 -19.01 32.05
C ARG D 146 1.26 -19.24 32.04
N SER D 147 1.93 -18.71 31.04
CA SER D 147 3.37 -18.83 30.94
C SER D 147 3.93 -18.01 32.10
N LEU D 148 3.17 -16.99 32.47
CA LEU D 148 3.54 -16.12 33.57
C LEU D 148 3.38 -16.93 34.84
N CYS D 149 2.89 -18.14 34.70
CA CYS D 149 2.70 -19.03 35.83
C CYS D 149 3.79 -20.07 35.94
N GLY D 150 4.63 -20.13 34.91
CA GLY D 150 5.74 -21.06 34.92
C GLY D 150 6.84 -20.46 35.77
N ARG D 151 6.46 -19.94 36.94
CA ARG D 151 7.40 -19.31 37.86
C ARG D 151 6.92 -19.49 39.31
#